data_2GQ1
#
_entry.id   2GQ1
#
_cell.length_a   45.590
_cell.length_b   81.270
_cell.length_c   170.100
_cell.angle_alpha   90.00
_cell.angle_beta   90.00
_cell.angle_gamma   90.00
#
_symmetry.space_group_name_H-M   'I 2 2 2'
#
loop_
_entity.id
_entity.type
_entity.pdbx_description
1 polymer Fructose-1,6-bisphosphatase
2 non-polymer 'SULFATE ION'
3 water water
#
_entity_poly.entity_id   1
_entity_poly.type   'polypeptide(L)'
_entity_poly.pdbx_seq_one_letter_code
;(MSE)KTLGEFIVEKQHEFSHATGELTALLSAIKLGAKIIHRDINKAGLVDILGASGAENVQGEVQQKLDLFANEKLKAA
LKARDIVAGIASEEEDEIVVFEGCEHAKYVVL(MSE)DPLDGSSNIDVNVSVGTIFSIYRRVTPVGTPVTEEDFLQPGNK
QVAAGYVVYGSST(MSE)LVYTTGCGVHAFTYDPSLGVFCLCQER(MSE)RFPEKGKTYSINEGNYIKFPNGVKKYIKFC
QEEDKSTNRPYTSRYIGSLVADFHRNLLKGGIYLYPSTASHPDGKLRLLYECNP(MSE)AFLAEQAGGKASDGKERILDI
IPETLHQRRSFFVGNDH(MSE)VEDVERFIREFPDA
;
_entity_poly.pdbx_strand_id   A
#
loop_
_chem_comp.id
_chem_comp.type
_chem_comp.name
_chem_comp.formula
SO4 non-polymer 'SULFATE ION' 'O4 S -2'
#
# COMPACT_ATOMS: atom_id res chain seq x y z
N MSE A 1 27.52 1.33 -0.87
CA MSE A 1 26.21 1.78 -0.33
C MSE A 1 25.67 2.94 -1.14
O MSE A 1 26.43 3.81 -1.58
CB MSE A 1 26.37 2.20 1.14
CG MSE A 1 25.07 2.53 1.87
SE MSE A 1 24.46 4.34 1.60
CE MSE A 1 25.28 5.18 3.13
N LYS A 2 24.36 2.95 -1.38
CA LYS A 2 23.71 3.99 -2.15
C LYS A 2 22.47 4.41 -1.37
N THR A 3 22.34 5.70 -1.08
CA THR A 3 21.19 6.18 -0.33
C THR A 3 19.97 6.38 -1.22
N LEU A 4 18.81 6.53 -0.58
CA LEU A 4 17.58 6.77 -1.31
C LEU A 4 17.72 8.03 -2.16
N GLY A 5 18.24 9.10 -1.56
CA GLY A 5 18.40 10.34 -2.30
C GLY A 5 19.27 10.20 -3.52
N GLU A 6 20.36 9.44 -3.39
CA GLU A 6 21.29 9.23 -4.50
C GLU A 6 20.64 8.37 -5.57
N PHE A 7 19.87 7.38 -5.15
CA PHE A 7 19.18 6.49 -6.07
C PHE A 7 18.21 7.29 -6.94
N ILE A 8 17.46 8.17 -6.30
CA ILE A 8 16.50 9.01 -7.01
C ILE A 8 17.19 9.82 -8.10
N VAL A 9 18.29 10.47 -7.74
CA VAL A 9 19.03 11.28 -8.70
C VAL A 9 19.57 10.39 -9.83
N GLU A 10 19.89 9.15 -9.50
CA GLU A 10 20.41 8.21 -10.49
C GLU A 10 19.37 7.85 -11.53
N LYS A 11 18.14 7.58 -11.09
CA LYS A 11 17.05 7.21 -11.98
C LYS A 11 16.21 8.42 -12.40
N GLN A 12 16.87 9.43 -12.94
CA GLN A 12 16.17 10.64 -13.37
C GLN A 12 15.20 10.44 -14.54
N HIS A 13 15.01 9.19 -14.94
CA HIS A 13 14.11 8.88 -16.04
C HIS A 13 12.70 8.60 -15.52
N GLU A 14 12.62 8.14 -14.27
CA GLU A 14 11.33 7.83 -13.67
C GLU A 14 10.58 9.08 -13.26
N PHE A 15 9.33 8.91 -12.85
CA PHE A 15 8.48 10.01 -12.41
C PHE A 15 8.40 11.12 -13.45
N SER A 16 8.24 10.74 -14.71
CA SER A 16 8.14 11.70 -15.81
C SER A 16 9.32 12.67 -15.82
N HIS A 17 10.51 12.14 -15.53
CA HIS A 17 11.73 12.94 -15.50
C HIS A 17 11.72 14.05 -14.45
N ALA A 18 10.72 14.03 -13.58
CA ALA A 18 10.61 15.03 -12.53
C ALA A 18 11.41 14.57 -11.31
N THR A 19 12.73 14.59 -11.44
CA THR A 19 13.61 14.15 -10.36
C THR A 19 13.58 15.05 -9.13
N GLY A 20 13.70 16.35 -9.34
CA GLY A 20 13.67 17.28 -8.22
C GLY A 20 12.40 17.17 -7.40
N GLU A 21 11.29 16.95 -8.08
CA GLU A 21 9.99 16.82 -7.41
C GLU A 21 9.88 15.52 -6.63
N LEU A 22 10.37 14.42 -7.20
CA LEU A 22 10.32 13.13 -6.51
C LEU A 22 11.18 13.19 -5.26
N THR A 23 12.33 13.84 -5.37
CA THR A 23 13.24 14.00 -4.25
C THR A 23 12.53 14.71 -3.11
N ALA A 24 11.80 15.76 -3.44
CA ALA A 24 11.06 16.53 -2.46
C ALA A 24 9.98 15.69 -1.80
N LEU A 25 9.21 14.99 -2.62
CA LEU A 25 8.13 14.14 -2.13
C LEU A 25 8.63 13.07 -1.18
N LEU A 26 9.64 12.31 -1.61
CA LEU A 26 10.16 11.24 -0.76
C LEU A 26 10.93 11.77 0.45
N SER A 27 11.43 13.00 0.37
CA SER A 27 12.14 13.59 1.50
C SER A 27 11.14 13.86 2.61
N ALA A 28 9.93 14.26 2.23
CA ALA A 28 8.88 14.53 3.20
C ALA A 28 8.47 13.21 3.85
N ILE A 29 8.34 12.18 3.02
CA ILE A 29 7.97 10.86 3.51
C ILE A 29 9.04 10.28 4.42
N LYS A 30 10.30 10.38 3.99
CA LYS A 30 11.40 9.84 4.79
C LYS A 30 11.47 10.56 6.14
N LEU A 31 11.26 11.87 6.14
CA LEU A 31 11.29 12.63 7.38
C LEU A 31 10.19 12.13 8.33
N GLY A 32 8.98 12.01 7.81
CA GLY A 32 7.89 11.53 8.63
C GLY A 32 8.17 10.15 9.15
N ALA A 33 8.73 9.30 8.29
CA ALA A 33 9.07 7.93 8.66
C ALA A 33 10.08 7.89 9.80
N LYS A 34 11.10 8.75 9.72
CA LYS A 34 12.12 8.81 10.76
C LYS A 34 11.52 9.23 12.10
N ILE A 35 10.63 10.21 12.06
CA ILE A 35 9.98 10.70 13.27
C ILE A 35 9.14 9.59 13.88
N ILE A 36 8.32 8.95 13.05
CA ILE A 36 7.47 7.87 13.52
C ILE A 36 8.29 6.71 14.04
N HIS A 37 9.39 6.38 13.34
CA HIS A 37 10.27 5.29 13.74
C HIS A 37 10.76 5.46 15.17
N ARG A 38 11.27 6.65 15.48
CA ARG A 38 11.79 6.92 16.82
C ARG A 38 10.69 6.94 17.87
N ASP A 39 9.52 7.43 17.47
CA ASP A 39 8.38 7.50 18.37
C ASP A 39 7.87 6.11 18.75
N ILE A 40 8.11 5.14 17.88
CA ILE A 40 7.68 3.77 18.14
C ILE A 40 8.72 3.06 18.99
N ASN A 41 9.96 3.53 18.91
CA ASN A 41 11.07 2.96 19.69
C ASN A 41 11.41 3.82 20.90
N LYS A 64 -4.01 8.27 19.35
CA LYS A 64 -2.64 8.03 19.88
C LYS A 64 -1.59 8.24 18.81
N LEU A 65 -0.82 7.20 18.50
CA LEU A 65 0.22 7.27 17.48
C LEU A 65 -0.37 7.62 16.12
N ASP A 66 -1.64 7.25 15.92
CA ASP A 66 -2.32 7.53 14.66
C ASP A 66 -2.35 9.02 14.37
N LEU A 67 -2.84 9.79 15.34
CA LEU A 67 -2.92 11.23 15.20
C LEU A 67 -1.52 11.80 15.03
N PHE A 68 -0.59 11.30 15.83
CA PHE A 68 0.80 11.75 15.78
C PHE A 68 1.37 11.55 14.38
N ALA A 69 1.32 10.31 13.89
CA ALA A 69 1.83 9.98 12.57
C ALA A 69 1.15 10.85 11.50
N ASN A 70 -0.16 11.03 11.63
CA ASN A 70 -0.92 11.84 10.68
C ASN A 70 -0.43 13.28 10.67
N GLU A 71 -0.28 13.86 11.85
CA GLU A 71 0.18 15.24 11.97
C GLU A 71 1.60 15.44 11.44
N LYS A 72 2.52 14.56 11.81
CA LYS A 72 3.89 14.69 11.35
C LYS A 72 4.04 14.54 9.83
N LEU A 73 3.34 13.56 9.25
CA LEU A 73 3.41 13.37 7.81
C LEU A 73 2.78 14.54 7.08
N LYS A 74 1.64 15.01 7.59
CA LYS A 74 0.95 16.14 6.98
C LYS A 74 1.84 17.38 6.99
N ALA A 75 2.47 17.62 8.13
CA ALA A 75 3.36 18.78 8.29
C ALA A 75 4.57 18.64 7.36
N ALA A 76 5.11 17.43 7.26
CA ALA A 76 6.26 17.19 6.40
C ALA A 76 5.95 17.49 4.94
N LEU A 77 4.79 17.02 4.48
CA LEU A 77 4.40 17.24 3.09
C LEU A 77 4.15 18.71 2.80
N LYS A 78 3.52 19.41 3.73
CA LYS A 78 3.24 20.83 3.54
C LYS A 78 4.52 21.66 3.48
N ALA A 79 5.51 21.26 4.26
CA ALA A 79 6.77 21.99 4.32
C ALA A 79 7.64 21.87 3.07
N ARG A 80 7.34 20.93 2.19
CA ARG A 80 8.11 20.75 0.96
C ARG A 80 7.62 21.61 -0.18
N ASP A 81 6.51 22.32 0.04
CA ASP A 81 5.93 23.18 -0.97
C ASP A 81 5.93 22.50 -2.34
N ILE A 82 5.24 21.37 -2.43
CA ILE A 82 5.16 20.61 -3.67
C ILE A 82 3.83 19.86 -3.73
N VAL A 83 3.13 19.83 -2.59
CA VAL A 83 1.84 19.16 -2.49
C VAL A 83 0.75 20.19 -2.20
N ALA A 84 -0.31 20.17 -2.99
CA ALA A 84 -1.42 21.11 -2.81
C ALA A 84 -2.28 20.73 -1.62
N GLY A 85 -2.40 19.44 -1.36
CA GLY A 85 -3.21 18.99 -0.23
C GLY A 85 -3.13 17.49 -0.05
N ILE A 86 -3.73 17.01 1.04
CA ILE A 86 -3.70 15.59 1.32
C ILE A 86 -5.04 15.08 1.83
N ALA A 87 -5.21 13.77 1.77
CA ALA A 87 -6.40 13.08 2.24
C ALA A 87 -5.82 11.99 3.11
N SER A 88 -6.39 11.80 4.30
CA SER A 88 -5.88 10.79 5.20
C SER A 88 -6.99 9.97 5.82
N GLU A 89 -6.67 8.72 6.14
CA GLU A 89 -7.60 7.80 6.76
C GLU A 89 -8.02 8.37 8.11
N GLU A 90 -7.19 9.25 8.65
CA GLU A 90 -7.45 9.85 9.96
C GLU A 90 -8.19 11.17 9.91
N GLU A 91 -8.81 11.48 8.77
CA GLU A 91 -9.56 12.71 8.63
C GLU A 91 -10.75 12.52 7.68
N ASP A 92 -11.92 12.98 8.10
CA ASP A 92 -13.13 12.85 7.30
C ASP A 92 -13.08 13.71 6.04
N GLU A 93 -12.45 14.87 6.14
CA GLU A 93 -12.34 15.80 5.02
C GLU A 93 -10.90 15.94 4.53
N ILE A 94 -10.75 16.37 3.28
CA ILE A 94 -9.42 16.57 2.72
C ILE A 94 -8.80 17.80 3.35
N VAL A 95 -7.47 17.91 3.25
CA VAL A 95 -6.76 19.05 3.80
C VAL A 95 -6.11 19.86 2.69
N VAL A 96 -6.56 21.11 2.53
CA VAL A 96 -6.02 22.01 1.52
C VAL A 96 -4.94 22.85 2.18
N PHE A 97 -3.70 22.70 1.72
CA PHE A 97 -2.59 23.45 2.29
C PHE A 97 -2.58 24.90 1.84
N GLU A 98 -2.71 25.81 2.80
CA GLU A 98 -2.70 27.23 2.49
C GLU A 98 -1.31 27.61 1.99
N GLY A 99 -1.26 28.27 0.83
CA GLY A 99 0.02 28.67 0.27
C GLY A 99 0.63 27.63 -0.65
N CYS A 100 -0.14 26.59 -0.95
CA CYS A 100 0.35 25.52 -1.83
C CYS A 100 -0.59 25.27 -3.01
N GLU A 101 -1.49 26.20 -3.29
CA GLU A 101 -2.42 26.04 -4.39
C GLU A 101 -1.70 25.97 -5.73
N HIS A 102 -0.44 26.36 -5.73
CA HIS A 102 0.38 26.35 -6.94
C HIS A 102 0.91 24.96 -7.23
N ALA A 103 0.88 24.09 -6.22
CA ALA A 103 1.38 22.72 -6.36
C ALA A 103 0.46 21.88 -7.24
N LYS A 104 1.02 20.89 -7.90
CA LYS A 104 0.25 20.03 -8.79
C LYS A 104 0.07 18.61 -8.28
N TYR A 105 0.58 18.31 -7.09
CA TYR A 105 0.46 16.97 -6.53
C TYR A 105 -0.42 16.90 -5.29
N VAL A 106 -1.10 15.77 -5.12
CA VAL A 106 -1.92 15.53 -3.95
C VAL A 106 -1.48 14.16 -3.43
N VAL A 107 -1.56 13.98 -2.12
CA VAL A 107 -1.14 12.72 -1.51
C VAL A 107 -2.24 12.16 -0.62
N LEU A 108 -2.47 10.85 -0.73
CA LEU A 108 -3.44 10.16 0.10
C LEU A 108 -2.63 9.23 0.97
N MSE A 109 -2.99 9.09 2.23
CA MSE A 109 -2.21 8.22 3.08
C MSE A 109 -2.95 7.53 4.22
O MSE A 109 -4.03 7.92 4.63
CB MSE A 109 -1.05 9.02 3.69
CG MSE A 109 -1.51 10.11 4.62
SE MSE A 109 -0.04 11.08 5.38
CE MSE A 109 -0.51 12.86 4.78
N ASP A 110 -2.31 6.47 4.70
CA ASP A 110 -2.77 5.69 5.82
C ASP A 110 -1.52 5.88 6.69
N PRO A 111 -1.49 6.95 7.50
CA PRO A 111 -0.35 7.28 8.37
C PRO A 111 0.22 6.16 9.22
N LEU A 112 -0.64 5.37 9.84
CA LEU A 112 -0.15 4.29 10.68
C LEU A 112 -1.01 3.03 10.58
N ASP A 113 -0.79 2.29 9.50
CA ASP A 113 -1.49 1.04 9.23
C ASP A 113 -1.31 0.05 10.37
N GLY A 114 -2.43 -0.50 10.85
CA GLY A 114 -2.39 -1.48 11.92
C GLY A 114 -1.78 -1.02 13.22
N SER A 115 -2.03 0.23 13.59
CA SER A 115 -1.50 0.80 14.82
C SER A 115 -1.81 -0.01 16.07
N SER A 116 -2.84 -0.87 16.00
CA SER A 116 -3.21 -1.70 17.15
C SER A 116 -2.08 -2.67 17.49
N ASN A 117 -1.25 -2.99 16.51
CA ASN A 117 -0.14 -3.91 16.70
C ASN A 117 0.99 -3.32 17.53
N ILE A 118 0.96 -2.01 17.73
CA ILE A 118 2.00 -1.34 18.51
C ILE A 118 2.06 -1.87 19.93
N ASP A 119 0.89 -2.10 20.52
CA ASP A 119 0.80 -2.58 21.89
C ASP A 119 1.45 -3.94 22.09
N VAL A 120 1.50 -4.74 21.03
CA VAL A 120 2.09 -6.08 21.11
C VAL A 120 3.43 -6.21 20.40
N ASN A 121 4.04 -5.07 20.08
CA ASN A 121 5.35 -5.04 19.43
C ASN A 121 5.36 -5.67 18.04
N VAL A 122 4.21 -5.63 17.38
CA VAL A 122 4.11 -6.20 16.03
C VAL A 122 4.25 -5.11 14.98
N SER A 123 4.74 -5.49 13.81
CA SER A 123 4.95 -4.57 12.71
C SER A 123 3.74 -3.70 12.35
N VAL A 124 4.02 -2.44 12.05
CA VAL A 124 3.00 -1.49 11.63
C VAL A 124 3.58 -0.81 10.40
N GLY A 125 2.81 0.04 9.74
CA GLY A 125 3.33 0.70 8.56
C GLY A 125 2.59 1.93 8.09
N THR A 126 3.23 2.66 7.20
CA THR A 126 2.66 3.86 6.62
C THR A 126 2.48 3.59 5.13
N ILE A 127 1.34 4.00 4.58
CA ILE A 127 1.08 3.79 3.16
C ILE A 127 0.80 5.15 2.53
N PHE A 128 1.39 5.41 1.36
CA PHE A 128 1.13 6.67 0.68
C PHE A 128 0.85 6.44 -0.79
N SER A 129 0.06 7.36 -1.35
CA SER A 129 -0.34 7.31 -2.75
C SER A 129 -0.27 8.74 -3.27
N ILE A 130 0.32 8.90 -4.45
CA ILE A 130 0.47 10.23 -5.04
C ILE A 130 -0.18 10.35 -6.42
N TYR A 131 -0.90 11.44 -6.62
CA TYR A 131 -1.58 11.73 -7.88
C TYR A 131 -1.26 13.14 -8.33
N ARG A 132 -1.41 13.37 -9.62
CA ARG A 132 -1.23 14.70 -10.16
C ARG A 132 -2.66 15.23 -10.08
N ARG A 133 -2.85 16.46 -9.64
CA ARG A 133 -4.19 17.03 -9.52
C ARG A 133 -4.84 17.16 -10.89
N VAL A 134 -6.17 17.24 -10.90
CA VAL A 134 -6.91 17.39 -12.15
C VAL A 134 -7.46 18.81 -12.24
N THR A 135 -7.70 19.41 -11.07
CA THR A 135 -8.22 20.78 -11.01
C THR A 135 -7.11 21.74 -11.39
N PRO A 136 -7.47 22.94 -11.87
CA PRO A 136 -6.51 23.98 -12.28
C PRO A 136 -5.53 24.38 -11.18
N VAL A 137 -4.26 24.52 -11.55
CA VAL A 137 -3.26 24.94 -10.59
C VAL A 137 -3.56 26.37 -10.16
N GLY A 138 -3.18 26.71 -8.93
CA GLY A 138 -3.44 28.06 -8.45
C GLY A 138 -4.81 28.18 -7.81
N THR A 139 -5.48 27.05 -7.66
CA THR A 139 -6.80 27.01 -7.04
C THR A 139 -6.77 25.94 -5.96
N PRO A 140 -7.76 25.96 -5.05
CA PRO A 140 -7.79 24.95 -3.98
C PRO A 140 -8.23 23.59 -4.52
N VAL A 141 -7.47 22.55 -4.20
CA VAL A 141 -7.81 21.21 -4.65
C VAL A 141 -9.15 20.81 -4.03
N THR A 142 -9.87 19.93 -4.72
CA THR A 142 -11.17 19.47 -4.25
C THR A 142 -11.14 17.95 -4.18
N GLU A 143 -12.23 17.35 -3.71
CA GLU A 143 -12.28 15.90 -3.61
C GLU A 143 -12.10 15.24 -4.97
N GLU A 144 -12.38 15.98 -6.03
CA GLU A 144 -12.23 15.45 -7.39
C GLU A 144 -10.78 15.01 -7.63
N ASP A 145 -9.85 15.74 -7.04
CA ASP A 145 -8.42 15.43 -7.19
C ASP A 145 -8.04 14.17 -6.43
N PHE A 146 -8.85 13.81 -5.44
CA PHE A 146 -8.58 12.64 -4.62
C PHE A 146 -9.44 11.42 -4.93
N LEU A 147 -10.35 11.55 -5.89
CA LEU A 147 -11.23 10.44 -6.26
C LEU A 147 -10.90 9.84 -7.62
N GLN A 148 -9.65 9.98 -8.06
CA GLN A 148 -9.24 9.42 -9.34
C GLN A 148 -8.98 7.92 -9.19
N PRO A 149 -9.20 7.14 -10.26
CA PRO A 149 -8.96 5.70 -10.15
C PRO A 149 -7.47 5.44 -9.89
N GLY A 150 -7.18 4.31 -9.27
CA GLY A 150 -5.80 3.95 -8.95
C GLY A 150 -4.85 3.94 -10.12
N ASN A 151 -5.34 3.71 -11.33
CA ASN A 151 -4.47 3.67 -12.49
C ASN A 151 -3.87 5.02 -12.82
N LYS A 152 -4.29 6.06 -12.10
CA LYS A 152 -3.76 7.40 -12.32
C LYS A 152 -2.63 7.76 -11.35
N GLN A 153 -2.34 6.88 -10.40
CA GLN A 153 -1.28 7.16 -9.44
C GLN A 153 0.06 7.36 -10.14
N VAL A 154 0.82 8.35 -9.69
CA VAL A 154 2.12 8.59 -10.28
C VAL A 154 3.18 7.99 -9.37
N ALA A 155 2.77 7.63 -8.16
CA ALA A 155 3.69 7.02 -7.20
C ALA A 155 2.91 6.43 -6.05
N ALA A 156 3.50 5.43 -5.41
CA ALA A 156 2.88 4.78 -4.27
C ALA A 156 3.98 4.07 -3.50
N GLY A 157 3.76 3.84 -2.22
CA GLY A 157 4.77 3.17 -1.44
C GLY A 157 4.33 2.97 0.00
N TYR A 158 5.20 2.36 0.77
CA TYR A 158 4.93 2.14 2.17
C TYR A 158 6.21 2.13 2.97
N VAL A 159 6.04 2.31 4.27
CA VAL A 159 7.16 2.26 5.18
C VAL A 159 6.73 1.17 6.15
N VAL A 160 7.56 0.17 6.33
CA VAL A 160 7.23 -0.89 7.25
C VAL A 160 8.14 -0.77 8.45
N TYR A 161 7.53 -0.61 9.62
CA TYR A 161 8.25 -0.45 10.87
C TYR A 161 8.28 -1.82 11.56
N GLY A 162 9.25 -2.65 11.22
CA GLY A 162 9.35 -3.97 11.81
C GLY A 162 10.65 -4.15 12.57
N SER A 163 11.26 -5.32 12.46
CA SER A 163 12.52 -5.58 13.13
C SER A 163 13.52 -4.51 12.69
N SER A 164 13.26 -3.95 11.51
CA SER A 164 14.05 -2.86 10.93
C SER A 164 13.02 -2.01 10.19
N THR A 165 13.35 -0.76 9.92
CA THR A 165 12.43 0.12 9.20
C THR A 165 12.83 0.20 7.75
N MSE A 166 11.87 -0.05 6.85
CA MSE A 166 12.14 -0.02 5.42
C MSE A 166 11.12 0.80 4.66
O MSE A 166 9.96 0.90 5.06
CB MSE A 166 12.15 -1.44 4.87
CG MSE A 166 13.20 -2.33 5.51
SE MSE A 166 12.88 -4.17 5.07
CE MSE A 166 13.44 -4.11 3.24
N LEU A 167 11.58 1.40 3.57
CA LEU A 167 10.73 2.19 2.70
C LEU A 167 10.75 1.53 1.32
N VAL A 168 9.56 1.30 0.78
CA VAL A 168 9.39 0.67 -0.51
C VAL A 168 8.51 1.56 -1.38
N TYR A 169 8.90 1.79 -2.62
CA TYR A 169 8.09 2.65 -3.48
C TYR A 169 8.22 2.32 -4.96
N THR A 170 7.30 2.90 -5.74
CA THR A 170 7.30 2.74 -7.19
C THR A 170 6.72 3.99 -7.82
N THR A 171 7.16 4.29 -9.03
CA THR A 171 6.67 5.43 -9.78
C THR A 171 6.26 4.91 -11.15
N GLY A 172 6.15 3.59 -11.26
CA GLY A 172 5.77 2.98 -12.52
C GLY A 172 6.91 2.30 -13.25
N CYS A 173 8.08 2.27 -12.62
CA CYS A 173 9.26 1.65 -13.21
C CYS A 173 9.91 0.64 -12.26
N GLY A 174 9.11 -0.24 -11.69
CA GLY A 174 9.63 -1.22 -10.76
C GLY A 174 9.46 -0.80 -9.32
N VAL A 175 9.66 -1.75 -8.42
CA VAL A 175 9.51 -1.51 -6.99
C VAL A 175 10.89 -1.51 -6.34
N HIS A 176 11.22 -0.42 -5.66
CA HIS A 176 12.53 -0.27 -5.01
C HIS A 176 12.42 -0.28 -3.49
N ALA A 177 13.33 -0.99 -2.84
CA ALA A 177 13.32 -1.09 -1.37
C ALA A 177 14.56 -0.49 -0.74
N PHE A 178 14.36 0.18 0.38
CA PHE A 178 15.44 0.83 1.12
C PHE A 178 15.32 0.53 2.61
N THR A 179 16.44 0.33 3.28
CA THR A 179 16.43 0.04 4.70
C THR A 179 17.00 1.22 5.47
N TYR A 180 16.34 1.60 6.55
CA TYR A 180 16.82 2.72 7.36
C TYR A 180 17.94 2.28 8.28
N ASP A 181 19.05 3.00 8.24
CA ASP A 181 20.17 2.69 9.12
C ASP A 181 20.15 3.76 10.20
N PRO A 182 19.65 3.41 11.40
CA PRO A 182 19.57 4.33 12.54
C PRO A 182 20.89 4.99 12.92
N SER A 183 21.99 4.28 12.75
CA SER A 183 23.31 4.79 13.10
C SER A 183 23.83 5.86 12.14
N LEU A 184 23.36 5.84 10.90
CA LEU A 184 23.78 6.82 9.91
C LEU A 184 22.67 7.82 9.64
N GLY A 185 21.46 7.51 10.09
CA GLY A 185 20.33 8.40 9.88
C GLY A 185 19.94 8.52 8.42
N VAL A 186 20.13 7.45 7.65
CA VAL A 186 19.79 7.47 6.23
C VAL A 186 19.18 6.17 5.75
N PHE A 187 18.41 6.27 4.67
CA PHE A 187 17.80 5.09 4.05
C PHE A 187 18.78 4.62 2.98
N CYS A 188 19.10 3.33 3.01
CA CYS A 188 20.04 2.75 2.05
C CYS A 188 19.36 1.75 1.12
N LEU A 189 19.75 1.78 -0.15
CA LEU A 189 19.18 0.87 -1.14
C LEU A 189 19.51 -0.56 -0.76
N CYS A 190 18.51 -1.43 -0.78
CA CYS A 190 18.74 -2.83 -0.47
C CYS A 190 18.17 -3.77 -1.54
N GLN A 191 17.24 -3.26 -2.34
CA GLN A 191 16.63 -4.04 -3.41
C GLN A 191 16.12 -3.10 -4.50
N GLU A 192 16.80 -3.09 -5.64
CA GLU A 192 16.42 -2.21 -6.73
C GLU A 192 15.19 -2.67 -7.52
N ARG A 193 15.08 -3.96 -7.76
CA ARG A 193 13.94 -4.49 -8.51
C ARG A 193 13.23 -5.58 -7.74
N MSE A 194 12.29 -5.19 -6.88
CA MSE A 194 11.55 -6.15 -6.09
C MSE A 194 10.53 -6.82 -7.00
O MSE A 194 9.74 -6.15 -7.66
CB MSE A 194 10.81 -5.43 -4.95
CG MSE A 194 10.51 -6.31 -3.76
SE MSE A 194 11.73 -5.94 -2.31
CE MSE A 194 10.59 -4.75 -1.31
N ARG A 195 10.55 -8.15 -7.05
CA ARG A 195 9.64 -8.91 -7.88
C ARG A 195 9.11 -10.13 -7.14
N PHE A 196 7.84 -10.48 -7.35
CA PHE A 196 7.30 -11.67 -6.72
C PHE A 196 8.01 -12.85 -7.35
N PRO A 197 8.25 -13.92 -6.58
CA PRO A 197 8.92 -15.08 -7.20
C PRO A 197 7.97 -15.65 -8.26
N GLU A 198 8.44 -16.60 -9.06
CA GLU A 198 7.61 -17.17 -10.11
C GLU A 198 6.33 -17.80 -9.56
N LYS A 199 6.41 -18.36 -8.37
CA LYS A 199 5.24 -18.99 -7.74
C LYS A 199 5.14 -18.63 -6.27
N GLY A 200 3.92 -18.68 -5.74
CA GLY A 200 3.68 -18.38 -4.34
C GLY A 200 3.25 -19.64 -3.65
N LYS A 201 3.57 -19.77 -2.36
CA LYS A 201 3.21 -20.97 -1.62
C LYS A 201 2.72 -20.64 -0.20
N THR A 202 2.34 -19.38 0.00
CA THR A 202 1.87 -18.93 1.30
C THR A 202 0.61 -18.11 1.15
N TYR A 203 -0.35 -18.29 2.06
CA TYR A 203 -1.57 -17.50 2.02
C TYR A 203 -1.73 -16.80 3.36
N SER A 204 -2.23 -15.57 3.30
CA SER A 204 -2.42 -14.72 4.48
C SER A 204 -3.85 -14.21 4.61
N ILE A 205 -4.57 -14.72 5.60
CA ILE A 205 -5.95 -14.33 5.82
C ILE A 205 -6.32 -14.61 7.28
N ASN A 206 -7.30 -13.89 7.81
CA ASN A 206 -7.74 -14.16 9.17
C ASN A 206 -8.69 -15.36 9.00
N GLU A 207 -8.12 -16.55 9.02
CA GLU A 207 -8.91 -17.76 8.82
C GLU A 207 -9.93 -18.02 9.90
N GLY A 208 -9.78 -17.34 11.04
CA GLY A 208 -10.73 -17.52 12.13
C GLY A 208 -12.13 -17.12 11.67
N ASN A 209 -12.21 -16.21 10.70
CA ASN A 209 -13.50 -15.76 10.19
C ASN A 209 -14.00 -16.56 9.00
N TYR A 210 -13.46 -17.76 8.83
CA TYR A 210 -13.85 -18.65 7.73
C TYR A 210 -15.34 -18.67 7.45
N ILE A 211 -16.15 -18.95 8.48
CA ILE A 211 -17.60 -19.05 8.31
C ILE A 211 -18.29 -17.77 7.84
N LYS A 212 -17.62 -16.63 7.99
CA LYS A 212 -18.20 -15.35 7.60
C LYS A 212 -17.87 -14.94 6.17
N PHE A 213 -16.92 -15.62 5.55
CA PHE A 213 -16.48 -15.26 4.21
C PHE A 213 -17.37 -15.76 3.08
N PRO A 214 -17.26 -15.13 1.89
CA PRO A 214 -18.06 -15.55 0.74
C PRO A 214 -17.73 -17.00 0.43
N ASN A 215 -18.69 -17.71 -0.17
CA ASN A 215 -18.49 -19.12 -0.49
C ASN A 215 -17.24 -19.39 -1.31
N GLY A 216 -16.94 -18.52 -2.29
CA GLY A 216 -15.76 -18.71 -3.11
C GLY A 216 -14.46 -18.63 -2.33
N VAL A 217 -14.42 -17.76 -1.33
CA VAL A 217 -13.23 -17.60 -0.50
C VAL A 217 -13.08 -18.83 0.40
N LYS A 218 -14.19 -19.34 0.94
CA LYS A 218 -14.14 -20.53 1.77
C LYS A 218 -13.59 -21.69 0.94
N LYS A 219 -14.08 -21.83 -0.28
CA LYS A 219 -13.61 -22.91 -1.16
C LYS A 219 -12.13 -22.74 -1.48
N TYR A 220 -11.68 -21.51 -1.67
CA TYR A 220 -10.26 -21.30 -1.96
C TYR A 220 -9.41 -21.71 -0.76
N ILE A 221 -9.85 -21.37 0.45
CA ILE A 221 -9.11 -21.73 1.64
C ILE A 221 -8.93 -23.25 1.70
N LYS A 222 -10.00 -23.99 1.41
CA LYS A 222 -9.90 -25.46 1.42
C LYS A 222 -8.94 -25.90 0.33
N PHE A 223 -8.97 -25.23 -0.81
CA PHE A 223 -8.07 -25.54 -1.92
C PHE A 223 -6.62 -25.39 -1.46
N CYS A 224 -6.35 -24.37 -0.66
CA CYS A 224 -5.00 -24.12 -0.14
C CYS A 224 -4.50 -25.22 0.77
N GLN A 225 -5.43 -25.94 1.39
CA GLN A 225 -5.09 -26.98 2.33
C GLN A 225 -5.02 -28.39 1.76
N GLU A 226 -5.29 -28.54 0.47
CA GLU A 226 -5.23 -29.86 -0.15
C GLU A 226 -3.79 -30.34 -0.25
N GLU A 227 -3.63 -31.64 -0.41
CA GLU A 227 -2.32 -32.23 -0.56
C GLU A 227 -2.04 -32.41 -2.05
N ASP A 228 -1.06 -31.65 -2.54
CA ASP A 228 -0.66 -31.71 -3.95
C ASP A 228 0.73 -31.12 -4.08
N LYS A 229 1.74 -31.95 -3.85
CA LYS A 229 3.13 -31.51 -3.92
C LYS A 229 3.49 -30.85 -5.24
N SER A 230 2.87 -31.30 -6.33
CA SER A 230 3.17 -30.74 -7.64
C SER A 230 2.92 -29.24 -7.71
N THR A 231 2.03 -28.75 -6.85
CA THR A 231 1.74 -27.32 -6.82
C THR A 231 2.05 -26.72 -5.45
N ASN A 232 2.96 -27.37 -4.73
CA ASN A 232 3.39 -26.90 -3.42
C ASN A 232 2.28 -26.79 -2.38
N ARG A 233 1.29 -27.66 -2.45
CA ARG A 233 0.19 -27.64 -1.49
C ARG A 233 0.27 -28.86 -0.58
N PRO A 234 -0.19 -28.72 0.67
CA PRO A 234 -0.77 -27.51 1.26
C PRO A 234 0.17 -26.32 1.42
N TYR A 235 -0.38 -25.13 1.25
CA TYR A 235 0.39 -23.91 1.41
C TYR A 235 0.66 -23.64 2.89
N THR A 236 1.63 -22.76 3.12
CA THR A 236 1.99 -22.33 4.45
C THR A 236 1.10 -21.15 4.77
N SER A 237 0.68 -21.04 6.03
CA SER A 237 -0.15 -19.93 6.45
C SER A 237 0.69 -18.94 7.25
N ARG A 238 0.49 -17.65 7.00
CA ARG A 238 1.18 -16.60 7.73
C ARG A 238 0.26 -15.39 7.73
N TYR A 239 -0.05 -14.88 8.92
CA TYR A 239 -0.92 -13.72 9.03
C TYR A 239 -0.52 -12.89 10.24
N ILE A 240 0.28 -11.86 9.98
CA ILE A 240 0.75 -10.98 11.03
C ILE A 240 -0.38 -10.09 11.54
N GLY A 241 -1.30 -9.75 10.65
CA GLY A 241 -2.41 -8.90 11.04
C GLY A 241 -2.15 -7.45 10.68
N SER A 242 -1.11 -7.23 9.87
CA SER A 242 -0.75 -5.90 9.43
C SER A 242 -0.62 -5.95 7.92
N LEU A 243 -1.47 -5.20 7.22
CA LEU A 243 -1.47 -5.16 5.77
C LEU A 243 -0.06 -4.97 5.20
N VAL A 244 0.63 -3.94 5.66
CA VAL A 244 1.97 -3.66 5.17
C VAL A 244 2.97 -4.79 5.43
N ALA A 245 2.96 -5.33 6.65
CA ALA A 245 3.88 -6.40 7.01
C ALA A 245 3.62 -7.68 6.22
N ASP A 246 2.35 -8.07 6.11
CA ASP A 246 2.02 -9.28 5.36
C ASP A 246 2.31 -9.10 3.88
N PHE A 247 1.99 -7.92 3.36
CA PHE A 247 2.24 -7.61 1.95
C PHE A 247 3.72 -7.70 1.66
N HIS A 248 4.52 -7.08 2.53
CA HIS A 248 5.96 -7.06 2.37
C HIS A 248 6.55 -8.47 2.33
N ARG A 249 6.15 -9.31 3.28
CA ARG A 249 6.66 -10.67 3.31
C ARG A 249 6.29 -11.43 2.03
N ASN A 250 5.02 -11.32 1.64
CA ASN A 250 4.56 -12.02 0.43
C ASN A 250 5.24 -11.54 -0.83
N LEU A 251 5.64 -10.28 -0.86
CA LEU A 251 6.32 -9.73 -2.02
C LEU A 251 7.71 -10.37 -2.16
N LEU A 252 8.38 -10.54 -1.03
CA LEU A 252 9.72 -11.12 -1.01
C LEU A 252 9.76 -12.64 -1.18
N LYS A 253 8.81 -13.32 -0.55
CA LYS A 253 8.80 -14.78 -0.60
C LYS A 253 7.74 -15.40 -1.47
N GLY A 254 6.81 -14.59 -1.96
CA GLY A 254 5.73 -15.10 -2.78
C GLY A 254 4.56 -15.43 -1.88
N GLY A 255 3.34 -15.22 -2.38
CA GLY A 255 2.16 -15.51 -1.58
C GLY A 255 0.98 -14.67 -1.98
N ILE A 256 -0.09 -14.78 -1.20
CA ILE A 256 -1.30 -14.03 -1.45
C ILE A 256 -1.89 -13.54 -0.15
N TYR A 257 -2.39 -12.31 -0.17
CA TYR A 257 -3.00 -11.71 1.00
C TYR A 257 -4.47 -11.53 0.67
N LEU A 258 -5.34 -11.93 1.59
CA LEU A 258 -6.78 -11.85 1.37
C LEU A 258 -7.51 -11.13 2.49
N TYR A 259 -8.35 -10.17 2.12
CA TYR A 259 -9.18 -9.51 3.12
C TYR A 259 -10.54 -9.41 2.45
N PRO A 260 -11.34 -10.48 2.57
CA PRO A 260 -12.68 -10.54 1.98
C PRO A 260 -13.74 -9.73 2.68
N SER A 261 -14.92 -9.73 2.10
CA SER A 261 -16.06 -9.06 2.68
C SER A 261 -16.67 -10.03 3.69
N THR A 262 -17.52 -9.50 4.56
CA THR A 262 -18.23 -10.28 5.57
C THR A 262 -19.56 -9.56 5.78
N ALA A 263 -20.47 -10.15 6.54
CA ALA A 263 -21.74 -9.48 6.78
C ALA A 263 -21.51 -8.13 7.47
N SER A 264 -20.50 -8.06 8.32
CA SER A 264 -20.18 -6.82 9.03
C SER A 264 -19.58 -5.76 8.11
N HIS A 265 -18.88 -6.22 7.08
CA HIS A 265 -18.25 -5.35 6.08
C HIS A 265 -18.56 -5.96 4.72
N PRO A 266 -19.79 -5.77 4.22
CA PRO A 266 -20.30 -6.28 2.95
C PRO A 266 -19.49 -5.97 1.70
N ASP A 267 -18.73 -4.88 1.74
CA ASP A 267 -17.93 -4.50 0.60
C ASP A 267 -16.46 -4.43 0.98
N GLY A 268 -16.07 -5.28 1.93
CA GLY A 268 -14.69 -5.32 2.38
C GLY A 268 -14.44 -4.40 3.55
N LYS A 269 -13.25 -4.50 4.14
CA LYS A 269 -12.90 -3.65 5.27
C LYS A 269 -11.83 -2.64 4.88
N LEU A 270 -10.86 -3.05 4.06
CA LEU A 270 -9.79 -2.16 3.67
C LEU A 270 -10.28 -0.96 2.85
N ARG A 271 -9.59 0.17 3.00
CA ARG A 271 -9.95 1.38 2.29
C ARG A 271 -9.44 1.31 0.86
N LEU A 272 -10.32 1.56 -0.10
CA LEU A 272 -9.92 1.49 -1.49
C LEU A 272 -8.84 2.50 -1.85
N LEU A 273 -9.00 3.73 -1.39
CA LEU A 273 -8.06 4.80 -1.72
C LEU A 273 -6.79 4.88 -0.88
N TYR A 274 -6.89 4.63 0.41
CA TYR A 274 -5.73 4.72 1.29
C TYR A 274 -4.91 3.45 1.45
N GLU A 275 -5.48 2.32 1.06
CA GLU A 275 -4.78 1.05 1.19
C GLU A 275 -4.71 0.22 -0.08
N CYS A 276 -5.88 -0.14 -0.62
CA CYS A 276 -5.92 -0.98 -1.80
C CYS A 276 -5.21 -0.43 -3.03
N ASN A 277 -5.53 0.80 -3.42
CA ASN A 277 -4.89 1.36 -4.61
C ASN A 277 -3.37 1.44 -4.57
N PRO A 278 -2.79 2.03 -3.51
CA PRO A 278 -1.33 2.08 -3.50
C PRO A 278 -0.70 0.68 -3.47
N MSE A 279 -1.24 -0.23 -2.67
CA MSE A 279 -0.68 -1.58 -2.61
C MSE A 279 -0.86 -2.33 -3.94
O MSE A 279 -0.04 -3.17 -4.30
CB MSE A 279 -1.28 -2.36 -1.45
CG MSE A 279 -0.98 -1.75 -0.08
SE MSE A 279 0.90 -1.38 0.26
CE MSE A 279 1.22 -2.71 1.63
N ALA A 280 -1.94 -2.03 -4.65
CA ALA A 280 -2.20 -2.69 -5.94
C ALA A 280 -1.17 -2.21 -6.98
N PHE A 281 -0.84 -0.91 -6.94
CA PHE A 281 0.13 -0.34 -7.85
C PHE A 281 1.48 -1.03 -7.61
N LEU A 282 1.86 -1.14 -6.34
CA LEU A 282 3.11 -1.79 -5.98
C LEU A 282 3.10 -3.26 -6.43
N ALA A 283 2.01 -3.95 -6.15
CA ALA A 283 1.89 -5.36 -6.52
C ALA A 283 2.04 -5.55 -8.01
N GLU A 284 1.35 -4.75 -8.82
CA GLU A 284 1.45 -4.89 -10.26
C GLU A 284 2.85 -4.59 -10.78
N GLN A 285 3.49 -3.58 -10.20
CA GLN A 285 4.84 -3.21 -10.61
C GLN A 285 5.86 -4.30 -10.27
N ALA A 286 5.50 -5.17 -9.33
CA ALA A 286 6.38 -6.27 -8.94
C ALA A 286 6.03 -7.55 -9.69
N GLY A 287 5.09 -7.45 -10.61
CA GLY A 287 4.69 -8.61 -11.41
C GLY A 287 3.52 -9.40 -10.84
N GLY A 288 2.87 -8.85 -9.82
CA GLY A 288 1.74 -9.52 -9.20
C GLY A 288 0.40 -9.01 -9.69
N LYS A 289 -0.65 -9.40 -8.98
CA LYS A 289 -2.02 -9.03 -9.32
C LYS A 289 -2.75 -8.52 -8.08
N ALA A 290 -3.68 -7.59 -8.27
CA ALA A 290 -4.47 -7.02 -7.18
C ALA A 290 -5.91 -6.90 -7.66
N SER A 291 -6.78 -7.68 -7.02
CA SER A 291 -8.19 -7.76 -7.39
C SER A 291 -9.11 -7.60 -6.19
N ASP A 292 -10.39 -7.30 -6.45
CA ASP A 292 -11.34 -7.22 -5.34
C ASP A 292 -12.10 -8.55 -5.33
N GLY A 293 -11.63 -9.49 -6.16
CA GLY A 293 -12.25 -10.79 -6.28
C GLY A 293 -12.92 -10.95 -7.63
N LYS A 294 -13.28 -9.82 -8.24
CA LYS A 294 -13.95 -9.81 -9.53
C LYS A 294 -13.29 -8.91 -10.56
N GLU A 295 -12.70 -7.81 -10.12
CA GLU A 295 -12.05 -6.91 -11.05
C GLU A 295 -10.79 -6.26 -10.53
N ARG A 296 -10.06 -5.65 -11.46
CA ARG A 296 -8.80 -4.99 -11.16
C ARG A 296 -8.99 -3.79 -10.25
N ILE A 297 -8.31 -3.80 -9.11
CA ILE A 297 -8.42 -2.73 -8.15
C ILE A 297 -8.14 -1.34 -8.76
N LEU A 298 -7.05 -1.24 -9.52
CA LEU A 298 -6.67 0.04 -10.10
C LEU A 298 -7.66 0.63 -11.09
N ASP A 299 -8.60 -0.17 -11.59
CA ASP A 299 -9.58 0.35 -12.54
C ASP A 299 -10.93 0.69 -11.93
N ILE A 300 -11.08 0.46 -10.62
CA ILE A 300 -12.33 0.79 -9.95
C ILE A 300 -12.51 2.30 -9.86
N ILE A 301 -13.71 2.78 -10.19
CA ILE A 301 -14.02 4.21 -10.12
C ILE A 301 -14.42 4.54 -8.68
N PRO A 302 -13.63 5.37 -7.99
CA PRO A 302 -13.96 5.72 -6.60
C PRO A 302 -15.31 6.42 -6.43
N GLU A 303 -16.01 6.08 -5.36
CA GLU A 303 -17.32 6.64 -5.07
C GLU A 303 -17.24 7.68 -3.94
N THR A 304 -16.42 7.39 -2.93
CA THR A 304 -16.24 8.28 -1.78
C THR A 304 -14.82 8.14 -1.25
N LEU A 305 -14.38 9.11 -0.45
CA LEU A 305 -13.04 9.07 0.11
C LEU A 305 -12.80 7.85 0.98
N HIS A 306 -13.79 7.45 1.77
CA HIS A 306 -13.62 6.31 2.65
C HIS A 306 -14.16 4.99 2.15
N GLN A 307 -14.43 4.91 0.85
CA GLN A 307 -14.93 3.68 0.25
C GLN A 307 -14.05 2.49 0.59
N ARG A 308 -14.69 1.36 0.89
CA ARG A 308 -13.96 0.14 1.21
C ARG A 308 -14.02 -0.82 0.02
N ARG A 309 -13.20 -1.85 0.08
CA ARG A 309 -13.20 -2.84 -1.00
C ARG A 309 -12.58 -4.15 -0.55
N SER A 310 -13.11 -5.26 -1.07
CA SER A 310 -12.55 -6.57 -0.80
C SER A 310 -11.18 -6.49 -1.47
N PHE A 311 -10.20 -7.24 -0.96
CA PHE A 311 -8.85 -7.15 -1.50
C PHE A 311 -8.12 -8.50 -1.51
N PHE A 312 -7.59 -8.86 -2.67
CA PHE A 312 -6.82 -10.09 -2.86
C PHE A 312 -5.60 -9.65 -3.67
N VAL A 313 -4.41 -9.81 -3.09
CA VAL A 313 -3.21 -9.36 -3.77
C VAL A 313 -2.02 -10.29 -3.57
N GLY A 314 -1.18 -10.41 -4.60
CA GLY A 314 -0.01 -11.27 -4.52
C GLY A 314 0.33 -11.92 -5.85
N ASN A 315 0.91 -13.10 -5.80
CA ASN A 315 1.28 -13.82 -7.02
C ASN A 315 0.07 -13.94 -7.92
N ASP A 316 0.27 -13.68 -9.21
CA ASP A 316 -0.85 -13.73 -10.14
C ASP A 316 -1.62 -15.04 -10.18
N HIS A 317 -0.93 -16.18 -10.20
CA HIS A 317 -1.63 -17.46 -10.26
C HIS A 317 -2.55 -17.68 -9.07
N MSE A 318 -2.16 -17.19 -7.91
CA MSE A 318 -2.96 -17.36 -6.70
C MSE A 318 -4.20 -16.46 -6.74
O MSE A 318 -5.30 -16.89 -6.40
CB MSE A 318 -2.12 -17.05 -5.46
CG MSE A 318 -0.86 -17.90 -5.38
SE MSE A 318 0.10 -17.63 -3.73
CE MSE A 318 -0.68 -19.05 -2.69
N VAL A 319 -4.02 -15.21 -7.15
CA VAL A 319 -5.15 -14.30 -7.24
C VAL A 319 -6.12 -14.81 -8.31
N GLU A 320 -5.57 -15.37 -9.39
CA GLU A 320 -6.42 -15.92 -10.45
C GLU A 320 -7.24 -17.07 -9.88
N ASP A 321 -6.64 -17.89 -9.02
CA ASP A 321 -7.38 -18.99 -8.40
C ASP A 321 -8.55 -18.47 -7.56
N VAL A 322 -8.31 -17.42 -6.77
CA VAL A 322 -9.38 -16.85 -5.94
C VAL A 322 -10.51 -16.37 -6.84
N GLU A 323 -10.15 -15.67 -7.93
CA GLU A 323 -11.16 -15.16 -8.84
C GLU A 323 -11.97 -16.31 -9.43
N ARG A 324 -11.32 -17.42 -9.74
CA ARG A 324 -12.04 -18.56 -10.31
C ARG A 324 -13.03 -19.12 -9.30
N PHE A 325 -12.58 -19.29 -8.06
CA PHE A 325 -13.46 -19.83 -7.04
C PHE A 325 -14.65 -18.92 -6.80
N ILE A 326 -14.44 -17.61 -6.88
CA ILE A 326 -15.54 -16.68 -6.67
C ILE A 326 -16.54 -16.77 -7.83
N ARG A 327 -16.05 -17.05 -9.04
CA ARG A 327 -16.95 -17.20 -10.19
C ARG A 327 -17.73 -18.51 -10.07
N GLU A 328 -17.04 -19.55 -9.61
CA GLU A 328 -17.66 -20.87 -9.48
C GLU A 328 -18.63 -21.01 -8.29
N PHE A 329 -18.38 -20.24 -7.24
CA PHE A 329 -19.21 -20.23 -6.04
C PHE A 329 -19.48 -18.76 -5.71
N PRO A 330 -20.41 -18.12 -6.44
CA PRO A 330 -20.79 -16.71 -6.30
C PRO A 330 -21.49 -16.18 -5.03
N ASP A 331 -22.09 -17.05 -4.24
CA ASP A 331 -22.80 -16.60 -3.04
C ASP A 331 -21.92 -16.01 -1.93
N ALA A 332 -22.52 -15.16 -1.11
CA ALA A 332 -21.82 -14.53 0.00
C ALA A 332 -22.14 -15.30 1.28
S SO4 B . -12.58 0.19 10.68
O1 SO4 B . -13.44 1.38 10.87
O2 SO4 B . -12.27 -0.41 11.99
O3 SO4 B . -13.28 -0.80 9.84
O4 SO4 B . -11.32 0.58 10.02
S SO4 C . -17.43 -18.93 -15.77
O1 SO4 C . -17.12 -20.22 -16.40
O2 SO4 C . -18.16 -18.08 -16.73
O3 SO4 C . -18.26 -19.16 -14.57
O4 SO4 C . -16.18 -18.26 -15.38
S SO4 D . 19.79 11.08 1.24
O1 SO4 D . 21.06 10.72 0.61
O2 SO4 D . 19.31 12.35 0.66
O3 SO4 D . 18.79 10.02 0.99
O4 SO4 D . 19.99 11.23 2.70
S SO4 E . -8.60 -8.95 11.18
O1 SO4 E . -9.67 -9.79 10.60
O2 SO4 E . -8.96 -7.53 11.05
O3 SO4 E . -8.41 -9.29 12.60
O4 SO4 E . -7.34 -9.20 10.44
S SO4 F . 12.10 18.63 -11.86
O1 SO4 F . 11.27 17.76 -11.00
O2 SO4 F . 13.38 18.93 -11.18
O3 SO4 F . 12.38 17.94 -13.13
O4 SO4 F . 11.38 19.89 -12.13
S SO4 G . -2.88 1.00 -16.96
O1 SO4 G . -4.34 0.94 -16.76
O2 SO4 G . -2.21 1.03 -15.64
O3 SO4 G . -2.43 -0.18 -17.71
O4 SO4 G . -2.53 2.23 -17.70
S SO4 H . -5.95 -0.20 12.80
O1 SO4 H . -7.33 0.20 13.13
O2 SO4 H . -5.29 -0.72 14.02
O3 SO4 H . -5.98 -1.27 11.77
O4 SO4 H . -5.20 0.96 12.29
#